data_6DYN
#
_entry.id   6DYN
#
_cell.length_a   44.580
_cell.length_b   57.470
_cell.length_c   50.130
_cell.angle_alpha   90.00
_cell.angle_beta   113.23
_cell.angle_gamma   90.00
#
_symmetry.space_group_name_H-M   'P 1 21 1'
#
loop_
_entity.id
_entity.type
_entity.pdbx_description
1 polymer Ebony
2 non-polymer HISTAMINE
3 non-polymer 'CALCIUM ION'
4 water water
#
_entity_poly.entity_id   1
_entity_poly.type   'polypeptide(L)'
_entity_poly.pdbx_seq_one_letter_code
;MLKMEAVPLRLEHRQEVIDIIVASFYNKADLEQWLKPGVLRTDYSDILNDIWNVLVERDLSFVVYDTNTDRIIGTALNFD
ARNEPEVDIKSKLLIVFEFLEFCEGPIRDNYLPKGLNQILHSFMMGTAEKLNPRENIACMHFMEHEVLRVAREKQFAGIF
TTNTSPLTQQLADVYHYKTLLNFQVNEYVHSDGSRPFGDAPDEQRAIVHWKEVGKGSHHHHHH
;
_entity_poly.pdbx_strand_id   A
#
loop_
_chem_comp.id
_chem_comp.type
_chem_comp.name
_chem_comp.formula
CA non-polymer 'CALCIUM ION' 'Ca 2'
HSM non-polymer HISTAMINE 'C5 H9 N3'
#
# COMPACT_ATOMS: atom_id res chain seq x y z
N MET A 1 -4.50 6.15 -26.11
CA MET A 1 -4.52 5.08 -25.12
C MET A 1 -3.22 4.99 -24.38
N LEU A 2 -3.33 4.84 -23.06
CA LEU A 2 -2.16 4.78 -22.19
C LEU A 2 -1.53 3.40 -22.29
N LYS A 3 -0.25 3.34 -22.66
CA LYS A 3 0.45 2.06 -22.71
C LYS A 3 1.67 2.12 -21.81
N MET A 4 1.88 1.03 -21.08
CA MET A 4 2.65 1.05 -19.85
C MET A 4 3.57 -0.15 -19.80
N GLU A 5 4.61 -0.02 -18.99
CA GLU A 5 5.54 -1.13 -18.78
C GLU A 5 5.96 -1.15 -17.32
N ALA A 6 6.03 -2.34 -16.75
CA ALA A 6 6.44 -2.50 -15.37
C ALA A 6 7.92 -2.85 -15.34
N VAL A 7 8.67 -2.10 -14.55
CA VAL A 7 10.12 -2.27 -14.40
C VAL A 7 10.40 -2.54 -12.93
N PRO A 8 11.20 -3.55 -12.58
CA PRO A 8 11.57 -3.75 -11.17
C PRO A 8 12.26 -2.53 -10.58
N LEU A 9 12.05 -2.34 -9.28
CA LEU A 9 12.57 -1.19 -8.56
C LEU A 9 14.11 -1.18 -8.60
N ARG A 10 14.69 -0.02 -8.90
CA ARG A 10 16.14 0.17 -8.89
C ARG A 10 16.51 1.28 -7.92
N LEU A 11 17.78 1.30 -7.50
CA LEU A 11 18.20 2.27 -6.49
C LEU A 11 17.97 3.71 -6.94
N GLU A 12 18.04 4.00 -8.24
CA GLU A 12 17.96 5.39 -8.68
C GLU A 12 16.54 5.89 -8.84
N HIS A 13 15.56 5.03 -8.59
CA HIS A 13 14.16 5.40 -8.62
C HIS A 13 13.71 6.12 -7.36
N ARG A 14 14.60 6.21 -6.35
CA ARG A 14 14.20 6.65 -5.02
C ARG A 14 13.39 7.93 -5.05
N GLN A 15 13.91 8.99 -5.68
CA GLN A 15 13.21 10.28 -5.62
C GLN A 15 11.90 10.24 -6.39
N GLU A 16 11.86 9.52 -7.52
CA GLU A 16 10.61 9.46 -8.26
C GLU A 16 9.55 8.70 -7.46
N VAL A 17 9.93 7.59 -6.81
CA VAL A 17 8.99 6.82 -6.00
C VAL A 17 8.50 7.65 -4.83
N ILE A 18 9.43 8.33 -4.14
CA ILE A 18 9.05 9.19 -3.02
C ILE A 18 8.08 10.28 -3.47
N ASP A 19 8.39 10.94 -4.59
CA ASP A 19 7.51 12.01 -5.06
C ASP A 19 6.10 11.48 -5.32
N ILE A 20 5.99 10.27 -5.88
CA ILE A 20 4.67 9.72 -6.17
C ILE A 20 3.96 9.33 -4.89
N ILE A 21 4.66 8.63 -3.99
CA ILE A 21 4.03 8.20 -2.76
C ILE A 21 3.60 9.41 -1.93
N VAL A 22 4.47 10.41 -1.81
CA VAL A 22 4.12 11.58 -1.01
C VAL A 22 2.93 12.30 -1.64
N ALA A 23 3.02 12.55 -2.95
CA ALA A 23 1.90 13.19 -3.63
C ALA A 23 0.63 12.35 -3.54
N SER A 24 0.76 11.03 -3.52
CA SER A 24 -0.41 10.16 -3.50
C SER A 24 -1.02 10.03 -2.11
N PHE A 25 -0.25 10.26 -1.06
CA PHE A 25 -0.74 10.05 0.30
C PHE A 25 -0.95 11.33 1.08
N TYR A 26 -0.02 12.28 1.00
CA TYR A 26 -0.10 13.46 1.85
C TYR A 26 -1.37 14.26 1.56
N ASN A 27 -2.17 14.47 2.60
CA ASN A 27 -3.45 15.18 2.53
C ASN A 27 -4.49 14.48 1.68
N LYS A 28 -4.22 13.24 1.26
CA LYS A 28 -5.21 12.43 0.56
C LYS A 28 -5.58 11.17 1.32
N ALA A 29 -4.63 10.58 2.05
CA ALA A 29 -4.83 9.30 2.70
C ALA A 29 -5.99 9.34 3.70
N ASP A 30 -6.81 8.29 3.65
CA ASP A 30 -8.08 8.31 4.36
C ASP A 30 -7.91 8.18 5.88
N LEU A 31 -6.83 7.59 6.35
CA LEU A 31 -6.63 7.46 7.80
C LEU A 31 -5.92 8.68 8.36
N GLU A 32 -4.85 9.11 7.70
CA GLU A 32 -4.03 10.22 8.18
C GLU A 32 -4.78 11.53 8.28
N GLN A 33 -5.87 11.70 7.53
CA GLN A 33 -6.61 12.94 7.56
C GLN A 33 -7.21 13.21 8.93
N TRP A 34 -7.35 12.17 9.75
CA TRP A 34 -7.97 12.30 11.06
C TRP A 34 -6.95 12.53 12.17
N LEU A 35 -5.67 12.41 11.86
CA LEU A 35 -4.57 12.72 12.76
C LEU A 35 -4.13 14.18 12.68
N LYS A 36 -4.65 14.92 11.70
CA LYS A 36 -4.34 16.35 11.60
C LYS A 36 -4.67 17.05 12.92
N PRO A 37 -3.87 18.02 13.34
CA PRO A 37 -2.69 18.46 12.59
C PRO A 37 -1.44 17.64 12.92
N GLY A 38 -0.38 17.86 12.15
CA GLY A 38 0.88 17.20 12.39
C GLY A 38 1.20 16.03 11.48
N VAL A 39 0.60 15.95 10.30
CA VAL A 39 1.02 15.00 9.28
C VAL A 39 1.89 15.75 8.29
N LEU A 40 3.19 15.48 8.31
CA LEU A 40 4.13 16.20 7.45
C LEU A 40 4.51 15.33 6.25
N ARG A 41 4.72 15.99 5.10
CA ARG A 41 5.16 15.25 3.92
C ARG A 41 6.40 14.42 4.20
N THR A 42 7.34 14.96 4.97
CA THR A 42 8.58 14.25 5.28
C THR A 42 8.34 13.02 6.16
N ASP A 43 7.21 12.93 6.85
CA ASP A 43 6.92 11.71 7.59
C ASP A 43 6.85 10.51 6.66
N TYR A 44 6.26 10.69 5.47
CA TYR A 44 6.23 9.60 4.50
C TYR A 44 7.60 9.37 3.88
N SER A 45 8.28 10.44 3.46
CA SER A 45 9.59 10.26 2.83
C SER A 45 10.62 9.72 3.83
N ASP A 46 10.48 10.04 5.12
CA ASP A 46 11.39 9.48 6.12
C ASP A 46 11.26 7.96 6.18
N ILE A 47 10.02 7.46 6.11
CA ILE A 47 9.82 6.01 6.15
C ILE A 47 10.45 5.36 4.93
N LEU A 48 10.18 5.90 3.74
CA LEU A 48 10.70 5.30 2.51
C LEU A 48 12.21 5.33 2.48
N ASN A 49 12.81 6.42 2.96
CA ASN A 49 14.27 6.53 2.96
C ASN A 49 14.89 5.47 3.86
N ASP A 50 14.27 5.21 5.02
CA ASP A 50 14.80 4.18 5.91
C ASP A 50 14.75 2.79 5.28
N ILE A 51 13.69 2.48 4.52
CA ILE A 51 13.52 1.13 3.98
C ILE A 51 14.05 1.01 2.55
N TRP A 52 14.55 2.10 1.94
CA TRP A 52 14.76 2.09 0.50
C TRP A 52 15.69 0.94 0.06
N ASN A 53 16.82 0.75 0.74
CA ASN A 53 17.80 -0.21 0.24
C ASN A 53 17.25 -1.63 0.29
N VAL A 54 16.66 -2.01 1.43
CA VAL A 54 16.07 -3.34 1.57
C VAL A 54 14.91 -3.50 0.60
N LEU A 55 14.12 -2.44 0.41
CA LEU A 55 13.01 -2.51 -0.54
C LEU A 55 13.50 -2.91 -1.92
N VAL A 56 14.58 -2.30 -2.38
CA VAL A 56 15.14 -2.66 -3.70
C VAL A 56 15.74 -4.05 -3.65
N GLU A 57 16.49 -4.37 -2.59
CA GLU A 57 17.13 -5.68 -2.47
C GLU A 57 16.13 -6.83 -2.53
N ARG A 58 14.99 -6.72 -1.83
CA ARG A 58 14.05 -7.83 -1.81
C ARG A 58 13.48 -8.15 -3.19
N ASP A 59 13.48 -7.19 -4.12
CA ASP A 59 13.11 -7.41 -5.52
C ASP A 59 11.67 -7.91 -5.66
N LEU A 60 10.75 -7.28 -4.93
CA LEU A 60 9.33 -7.57 -5.03
C LEU A 60 8.53 -6.37 -5.49
N SER A 61 9.18 -5.24 -5.74
CA SER A 61 8.52 -3.99 -6.03
C SER A 61 8.88 -3.56 -7.43
N PHE A 62 8.11 -2.60 -7.95
CA PHE A 62 8.29 -2.19 -9.34
C PHE A 62 7.70 -0.80 -9.52
N VAL A 63 8.12 -0.16 -10.62
CA VAL A 63 7.55 1.10 -11.08
C VAL A 63 6.84 0.85 -12.41
N VAL A 64 5.97 1.77 -12.78
CA VAL A 64 5.27 1.68 -14.05
C VAL A 64 5.68 2.86 -14.90
N TYR A 65 6.19 2.56 -16.10
CA TYR A 65 6.53 3.56 -17.10
C TYR A 65 5.38 3.78 -18.06
N ASP A 66 5.18 5.04 -18.46
CA ASP A 66 4.46 5.34 -19.69
C ASP A 66 5.46 5.18 -20.83
N THR A 67 5.30 4.12 -21.65
CA THR A 67 6.27 3.85 -22.71
C THR A 67 6.20 4.86 -23.85
N ASN A 68 5.25 5.79 -23.81
CA ASN A 68 5.19 6.85 -24.80
C ASN A 68 5.98 8.08 -24.37
N THR A 69 6.06 8.35 -23.07
CA THR A 69 6.86 9.45 -22.54
C THR A 69 8.08 8.99 -21.77
N ASP A 70 8.25 7.67 -21.60
CA ASP A 70 9.36 7.09 -20.83
C ASP A 70 9.51 7.69 -19.43
N ARG A 71 8.39 8.07 -18.81
CA ARG A 71 8.40 8.56 -17.44
C ARG A 71 7.57 7.68 -16.52
N ILE A 72 7.92 7.69 -15.24
CA ILE A 72 7.25 6.85 -14.23
C ILE A 72 5.92 7.47 -13.83
N ILE A 73 4.85 6.68 -13.90
CA ILE A 73 3.53 7.16 -13.53
C ILE A 73 2.93 6.41 -12.35
N GLY A 74 3.56 5.34 -11.88
CA GLY A 74 2.98 4.56 -10.80
C GLY A 74 4.02 3.65 -10.18
N THR A 75 3.69 3.15 -9.00
CA THR A 75 4.64 2.29 -8.32
C THR A 75 3.90 1.40 -7.33
N ALA A 76 4.36 0.16 -7.21
CA ALA A 76 3.80 -0.80 -6.26
C ALA A 76 4.93 -1.27 -5.34
N LEU A 77 4.80 -1.00 -4.05
CA LEU A 77 5.81 -1.38 -3.07
C LEU A 77 5.35 -2.62 -2.30
N ASN A 78 6.11 -3.71 -2.38
CA ASN A 78 5.73 -4.97 -1.77
C ASN A 78 6.86 -5.51 -0.91
N PHE A 79 6.48 -6.25 0.13
CA PHE A 79 7.39 -7.07 0.92
C PHE A 79 6.77 -8.44 1.15
N ASP A 80 7.62 -9.42 1.44
CA ASP A 80 7.17 -10.62 2.14
C ASP A 80 6.61 -10.18 3.49
N ALA A 81 5.36 -10.57 3.76
CA ALA A 81 4.69 -10.17 5.00
C ALA A 81 5.43 -10.65 6.24
N ARG A 82 6.14 -11.78 6.16
CA ARG A 82 6.87 -12.33 7.29
C ARG A 82 8.34 -11.96 7.27
N ASN A 83 8.73 -11.00 6.43
CA ASN A 83 10.13 -10.62 6.29
C ASN A 83 10.22 -9.14 5.91
N GLU A 84 9.54 -8.30 6.67
CA GLU A 84 9.45 -6.87 6.48
C GLU A 84 10.38 -6.15 7.43
N PRO A 85 10.99 -5.06 6.97
CA PRO A 85 11.71 -4.19 7.91
C PRO A 85 10.73 -3.56 8.89
N GLU A 86 11.21 -3.35 10.10
CA GLU A 86 10.48 -2.55 11.07
C GLU A 86 11.28 -1.29 11.30
N VAL A 87 10.66 -0.15 11.01
CA VAL A 87 11.26 1.15 11.28
C VAL A 87 10.60 1.72 12.52
N ASP A 88 11.42 2.20 13.44
CA ASP A 88 10.87 3.06 14.48
C ASP A 88 10.41 4.35 13.81
N ILE A 89 9.15 4.69 14.01
CA ILE A 89 8.55 5.83 13.33
C ILE A 89 8.30 6.92 14.36
N LYS A 90 9.10 7.97 14.30
CA LYS A 90 8.97 9.06 15.25
C LYS A 90 7.80 9.99 14.93
N SER A 91 7.01 9.68 13.91
CA SER A 91 5.93 10.56 13.49
C SER A 91 4.58 9.98 13.88
N LYS A 92 3.54 10.77 13.63
CA LYS A 92 2.19 10.32 13.94
C LYS A 92 1.73 9.21 13.01
N LEU A 93 2.50 8.88 11.98
CA LEU A 93 2.21 7.71 11.17
C LEU A 93 2.32 6.42 11.95
N LEU A 94 3.01 6.42 13.10
CA LEU A 94 3.13 5.20 13.88
C LEU A 94 1.75 4.68 14.30
N ILE A 95 0.80 5.56 14.56
CA ILE A 95 -0.53 5.11 14.93
C ILE A 95 -1.21 4.42 13.75
N VAL A 96 -0.95 4.90 12.53
CA VAL A 96 -1.52 4.26 11.34
C VAL A 96 -0.99 2.84 11.21
N PHE A 97 0.33 2.67 11.37
CA PHE A 97 0.93 1.34 11.23
C PHE A 97 0.49 0.42 12.36
N GLU A 98 0.36 0.95 13.58
CA GLU A 98 -0.14 0.14 14.68
C GLU A 98 -1.58 -0.29 14.43
N PHE A 99 -2.41 0.63 13.90
CA PHE A 99 -3.77 0.26 13.51
C PHE A 99 -3.77 -0.80 12.43
N LEU A 100 -2.89 -0.67 11.43
CA LEU A 100 -2.87 -1.66 10.35
C LEU A 100 -2.45 -3.03 10.89
N GLU A 101 -1.47 -3.05 11.80
CA GLU A 101 -1.06 -4.31 12.43
C GLU A 101 -2.20 -4.87 13.29
N PHE A 102 -2.97 -3.99 13.94
CA PHE A 102 -4.14 -4.43 14.67
C PHE A 102 -5.11 -5.16 13.74
N CYS A 103 -5.28 -4.66 12.50
CA CYS A 103 -6.13 -5.32 11.53
C CYS A 103 -5.47 -6.59 10.98
N GLU A 104 -4.21 -6.48 10.61
CA GLU A 104 -3.52 -7.58 9.95
C GLU A 104 -2.92 -8.70 10.79
N GLY A 105 -2.29 -8.33 11.89
CA GLY A 105 -1.56 -9.29 12.69
C GLY A 105 -2.32 -10.54 13.09
N PRO A 106 -3.48 -10.38 13.75
CA PRO A 106 -4.26 -11.57 14.14
C PRO A 106 -4.63 -12.47 12.97
N ILE A 107 -4.98 -11.90 11.82
CA ILE A 107 -5.36 -12.68 10.65
C ILE A 107 -4.13 -13.35 10.04
N ARG A 108 -3.06 -12.56 9.83
CA ARG A 108 -1.84 -13.05 9.21
C ARG A 108 -1.23 -14.23 9.98
N ASP A 109 -1.12 -14.10 11.30
CA ASP A 109 -0.33 -15.04 12.10
C ASP A 109 -1.10 -16.28 12.54
N ASN A 110 -2.41 -16.27 12.39
CA ASN A 110 -3.22 -17.40 12.83
C ASN A 110 -4.07 -18.02 11.73
N TYR A 111 -4.23 -17.37 10.58
CA TYR A 111 -5.08 -17.93 9.53
C TYR A 111 -4.42 -18.05 8.17
N LEU A 112 -3.34 -17.34 7.87
CA LEU A 112 -2.67 -17.40 6.59
C LEU A 112 -1.47 -18.34 6.67
N PRO A 113 -0.94 -18.81 5.53
CA PRO A 113 0.14 -19.81 5.56
C PRO A 113 1.38 -19.32 6.27
N LYS A 114 1.99 -20.23 7.04
CA LYS A 114 3.21 -19.94 7.79
C LYS A 114 4.43 -20.08 6.88
N GLY A 115 5.53 -19.45 7.31
CA GLY A 115 6.77 -19.55 6.58
C GLY A 115 6.98 -18.39 5.62
N LEU A 116 8.24 -18.20 5.26
CA LEU A 116 8.59 -17.14 4.33
C LEU A 116 8.15 -17.48 2.92
N ASN A 117 8.11 -16.47 2.08
CA ASN A 117 7.78 -16.63 0.66
C ASN A 117 6.40 -17.21 0.48
N GLN A 118 5.50 -16.92 1.44
CA GLN A 118 4.10 -17.30 1.33
C GLN A 118 3.18 -16.11 1.11
N ILE A 119 3.33 -15.06 1.89
CA ILE A 119 2.38 -13.95 1.90
C ILE A 119 3.07 -12.75 1.27
N LEU A 120 2.60 -12.34 0.07
CA LEU A 120 3.09 -11.12 -0.58
C LEU A 120 2.28 -9.93 -0.06
N HIS A 121 2.91 -9.09 0.75
CA HIS A 121 2.26 -7.94 1.38
C HIS A 121 2.34 -6.75 0.44
N SER A 122 1.18 -6.35 -0.10
CA SER A 122 1.09 -5.11 -0.88
C SER A 122 1.04 -3.95 0.12
N PHE A 123 2.17 -3.29 0.28
CA PHE A 123 2.53 -2.33 1.31
C PHE A 123 2.08 -0.91 0.95
N MET A 124 2.41 -0.45 -0.25
CA MET A 124 1.95 0.83 -0.73
C MET A 124 1.81 0.77 -2.24
N MET A 125 0.85 1.51 -2.75
CA MET A 125 0.67 1.77 -4.17
C MET A 125 0.42 3.25 -4.36
N GLY A 126 0.75 3.75 -5.54
CA GLY A 126 0.52 5.14 -5.84
C GLY A 126 0.68 5.39 -7.32
N THR A 127 0.10 6.51 -7.76
CA THR A 127 0.18 6.96 -9.12
C THR A 127 0.52 8.44 -9.12
N ALA A 128 1.14 8.90 -10.22
CA ALA A 128 1.56 10.29 -10.35
C ALA A 128 0.38 11.25 -10.26
N GLU A 129 0.65 12.42 -9.67
CA GLU A 129 -0.38 13.43 -9.45
C GLU A 129 -1.08 13.86 -10.75
N LYS A 130 -0.31 14.06 -11.82
CA LYS A 130 -0.87 14.63 -13.04
C LYS A 130 -1.69 13.64 -13.86
N LEU A 131 -1.86 12.40 -13.42
CA LEU A 131 -2.69 11.46 -14.17
C LEU A 131 -4.16 11.88 -14.09
N ASN A 132 -4.82 11.95 -15.26
CA ASN A 132 -6.26 12.21 -15.32
C ASN A 132 -7.01 10.93 -14.96
N PRO A 133 -8.35 10.97 -14.79
CA PRO A 133 -9.03 9.77 -14.26
C PRO A 133 -8.90 8.56 -15.16
N ARG A 134 -8.89 8.70 -16.48
CA ARG A 134 -8.69 7.55 -17.35
CA ARG A 134 -8.69 7.55 -17.35
C ARG A 134 -7.31 6.92 -17.12
N GLU A 135 -6.28 7.76 -17.06
CA GLU A 135 -4.93 7.26 -16.85
C GLU A 135 -4.77 6.66 -15.46
N ASN A 136 -5.35 7.30 -14.46
CA ASN A 136 -5.26 6.76 -13.11
C ASN A 136 -5.91 5.37 -13.05
N ILE A 137 -7.13 5.27 -13.55
CA ILE A 137 -7.84 3.99 -13.58
C ILE A 137 -7.03 2.95 -14.35
N ALA A 138 -6.51 3.33 -15.53
CA ALA A 138 -5.74 2.36 -16.31
C ALA A 138 -4.49 1.92 -15.55
N CYS A 139 -3.78 2.86 -14.92
CA CYS A 139 -2.56 2.51 -14.20
C CYS A 139 -2.85 1.60 -13.00
N MET A 140 -3.97 1.81 -12.32
CA MET A 140 -4.32 0.94 -11.21
CA MET A 140 -4.32 0.94 -11.21
C MET A 140 -4.64 -0.47 -11.69
N HIS A 141 -5.37 -0.60 -12.81
CA HIS A 141 -5.60 -1.92 -13.38
C HIS A 141 -4.29 -2.57 -13.77
N PHE A 142 -3.37 -1.80 -14.37
CA PHE A 142 -2.09 -2.34 -14.78
C PHE A 142 -1.26 -2.78 -13.58
N MET A 143 -1.27 -2.01 -12.49
CA MET A 143 -0.53 -2.42 -11.31
C MET A 143 -1.13 -3.64 -10.62
N GLU A 144 -2.45 -3.79 -10.64
CA GLU A 144 -3.04 -4.97 -10.02
C GLU A 144 -2.66 -6.23 -10.78
N HIS A 145 -2.76 -6.15 -12.10
CA HIS A 145 -2.34 -7.23 -12.99
C HIS A 145 -0.88 -7.59 -12.75
N GLU A 146 -0.03 -6.59 -12.56
CA GLU A 146 1.38 -6.88 -12.41
C GLU A 146 1.73 -7.38 -11.00
N VAL A 147 1.03 -6.94 -9.95
CA VAL A 147 1.28 -7.51 -8.63
C VAL A 147 1.00 -9.01 -8.64
N LEU A 148 -0.09 -9.41 -9.30
CA LEU A 148 -0.40 -10.84 -9.43
C LEU A 148 0.72 -11.58 -10.15
N ARG A 149 1.23 -11.01 -11.24
CA ARG A 149 2.29 -11.67 -12.00
C ARG A 149 3.54 -11.87 -11.14
N VAL A 150 3.89 -10.85 -10.35
CA VAL A 150 5.07 -10.95 -9.50
C VAL A 150 4.86 -12.04 -8.46
N ALA A 151 3.67 -12.06 -7.84
CA ALA A 151 3.35 -13.06 -6.82
C ALA A 151 3.50 -14.48 -7.38
N ARG A 152 2.92 -14.74 -8.56
CA ARG A 152 3.03 -16.07 -9.17
C ARG A 152 4.48 -16.39 -9.50
N GLU A 153 5.16 -15.47 -10.18
CA GLU A 153 6.52 -15.72 -10.62
C GLU A 153 7.46 -15.91 -9.44
N LYS A 154 7.23 -15.19 -8.35
CA LYS A 154 8.07 -15.31 -7.18
C LYS A 154 7.63 -16.43 -6.26
N GLN A 155 6.58 -17.15 -6.62
CA GLN A 155 6.12 -18.35 -5.91
C GLN A 155 5.53 -18.01 -4.54
N PHE A 156 4.80 -16.90 -4.47
CA PHE A 156 4.04 -16.63 -3.27
C PHE A 156 2.70 -17.35 -3.33
N ALA A 157 2.10 -17.55 -2.16
CA ALA A 157 0.80 -18.20 -2.09
C ALA A 157 -0.34 -17.24 -2.35
N GLY A 158 -0.17 -15.98 -1.97
CA GLY A 158 -1.25 -15.04 -2.22
C GLY A 158 -0.81 -13.64 -1.88
N ILE A 159 -1.73 -12.69 -2.08
CA ILE A 159 -1.46 -11.28 -1.92
C ILE A 159 -2.34 -10.77 -0.78
N PHE A 160 -1.74 -10.00 0.12
CA PHE A 160 -2.32 -9.60 1.39
C PHE A 160 -2.21 -8.10 1.46
N THR A 161 -3.33 -7.40 1.66
CA THR A 161 -3.28 -5.95 1.74
C THR A 161 -4.46 -5.46 2.57
N THR A 162 -4.27 -4.31 3.23
CA THR A 162 -5.36 -3.61 3.88
C THR A 162 -5.72 -2.41 3.02
N ASN A 163 -6.94 -2.39 2.51
CA ASN A 163 -7.39 -1.33 1.62
C ASN A 163 -8.21 -0.32 2.41
N THR A 164 -7.80 0.95 2.37
CA THR A 164 -8.35 1.97 3.25
C THR A 164 -9.11 3.07 2.50
N SER A 165 -9.19 2.99 1.18
CA SER A 165 -10.01 3.95 0.47
C SER A 165 -11.08 3.21 -0.32
N PRO A 166 -12.19 3.87 -0.60
CA PRO A 166 -13.26 3.19 -1.36
C PRO A 166 -12.80 2.65 -2.71
N LEU A 167 -11.95 3.39 -3.43
CA LEU A 167 -11.51 2.95 -4.75
C LEU A 167 -10.68 1.68 -4.65
N THR A 168 -9.70 1.65 -3.74
CA THR A 168 -8.87 0.45 -3.65
C THR A 168 -9.66 -0.72 -3.10
N GLN A 169 -10.61 -0.45 -2.22
CA GLN A 169 -11.50 -1.51 -1.71
C GLN A 169 -12.35 -2.09 -2.82
N GLN A 170 -12.93 -1.24 -3.67
CA GLN A 170 -13.77 -1.73 -4.76
C GLN A 170 -12.95 -2.44 -5.83
N LEU A 171 -11.76 -1.92 -6.15
CA LEU A 171 -10.88 -2.64 -7.07
C LEU A 171 -10.54 -4.02 -6.55
N ALA A 172 -10.15 -4.12 -5.27
CA ALA A 172 -9.90 -5.43 -4.68
C ALA A 172 -11.08 -6.37 -4.90
N ASP A 173 -12.29 -5.86 -4.69
CA ASP A 173 -13.46 -6.72 -4.83
C ASP A 173 -13.68 -7.19 -6.28
N VAL A 174 -13.51 -6.30 -7.27
CA VAL A 174 -13.72 -6.78 -8.64
C VAL A 174 -12.56 -7.65 -9.11
N TYR A 175 -11.42 -7.58 -8.44
CA TYR A 175 -10.34 -8.53 -8.72
C TYR A 175 -10.44 -9.78 -7.86
N HIS A 176 -11.58 -9.98 -7.20
CA HIS A 176 -11.89 -11.21 -6.48
C HIS A 176 -10.97 -11.44 -5.26
N TYR A 177 -10.49 -10.37 -4.65
CA TYR A 177 -9.89 -10.50 -3.33
C TYR A 177 -10.96 -10.94 -2.34
N LYS A 178 -10.57 -11.84 -1.44
CA LYS A 178 -11.42 -12.26 -0.33
C LYS A 178 -11.28 -11.29 0.84
N THR A 179 -12.42 -10.92 1.43
CA THR A 179 -12.42 -10.06 2.60
C THR A 179 -12.20 -10.88 3.87
N LEU A 180 -11.13 -10.58 4.60
CA LEU A 180 -10.89 -11.24 5.89
C LEU A 180 -11.27 -10.39 7.09
N LEU A 181 -11.39 -9.08 6.93
CA LEU A 181 -11.79 -8.18 8.00
C LEU A 181 -12.34 -6.92 7.37
N ASN A 182 -13.48 -6.44 7.88
CA ASN A 182 -14.04 -5.16 7.48
C ASN A 182 -14.18 -4.35 8.76
N PHE A 183 -13.19 -3.52 9.07
CA PHE A 183 -13.17 -2.89 10.38
C PHE A 183 -13.59 -1.43 10.26
N GLN A 184 -14.44 -0.99 11.19
CA GLN A 184 -14.89 0.39 11.27
C GLN A 184 -13.80 1.22 11.93
N VAL A 185 -13.13 2.07 11.14
CA VAL A 185 -11.90 2.71 11.63
C VAL A 185 -12.17 3.61 12.82
N ASN A 186 -13.37 4.20 12.95
CA ASN A 186 -13.57 5.04 14.12
C ASN A 186 -13.76 4.24 15.42
N GLU A 187 -13.74 2.91 15.38
CA GLU A 187 -13.78 2.15 16.64
C GLU A 187 -12.39 1.76 17.14
N TYR A 188 -11.32 2.07 16.41
CA TYR A 188 -10.00 1.65 16.89
C TYR A 188 -9.57 2.49 18.08
N VAL A 189 -9.10 1.81 19.13
CA VAL A 189 -8.67 2.47 20.36
C VAL A 189 -7.15 2.34 20.47
N HIS A 190 -6.51 3.49 20.63
CA HIS A 190 -5.07 3.61 20.84
C HIS A 190 -4.71 3.18 22.27
N SER A 191 -3.41 3.03 22.51
CA SER A 191 -2.95 2.61 23.84
C SER A 191 -3.32 3.60 24.93
N ASP A 192 -3.55 4.86 24.61
CA ASP A 192 -3.91 5.85 25.62
C ASP A 192 -5.41 5.96 25.80
N GLY A 193 -6.17 5.00 25.31
CA GLY A 193 -7.61 5.01 25.43
C GLY A 193 -8.33 5.90 24.44
N SER A 194 -7.62 6.74 23.69
CA SER A 194 -8.29 7.59 22.72
C SER A 194 -8.61 6.83 21.43
N ARG A 195 -9.41 7.45 20.58
CA ARG A 195 -9.74 6.93 19.26
C ARG A 195 -9.18 7.87 18.21
N PRO A 196 -8.00 7.58 17.65
CA PRO A 196 -7.37 8.53 16.72
C PRO A 196 -8.18 8.82 15.46
N PHE A 197 -8.97 7.85 14.97
CA PHE A 197 -9.87 8.05 13.85
C PHE A 197 -11.33 8.18 14.30
N GLY A 198 -11.56 8.66 15.52
CA GLY A 198 -12.90 8.64 16.08
C GLY A 198 -13.85 9.62 15.40
N ASP A 199 -13.29 10.68 14.82
CA ASP A 199 -14.11 11.64 14.06
C ASP A 199 -14.54 11.11 12.70
N ALA A 200 -13.93 10.05 12.17
CA ALA A 200 -14.28 9.56 10.84
C ALA A 200 -15.72 9.06 10.82
N PRO A 201 -16.40 9.15 9.68
CA PRO A 201 -17.76 8.61 9.58
C PRO A 201 -17.78 7.11 9.79
N ASP A 202 -18.95 6.61 10.22
CA ASP A 202 -19.09 5.17 10.45
C ASP A 202 -18.84 4.37 9.19
N GLU A 203 -19.02 4.98 8.03
CA GLU A 203 -18.90 4.31 6.74
C GLU A 203 -17.45 4.08 6.32
N GLN A 204 -16.48 4.77 6.93
CA GLN A 204 -15.09 4.58 6.54
C GLN A 204 -14.56 3.28 7.16
N ARG A 205 -14.16 2.35 6.30
CA ARG A 205 -13.69 1.02 6.66
C ARG A 205 -12.20 0.86 6.37
N ALA A 206 -11.58 -0.06 7.09
CA ALA A 206 -10.32 -0.66 6.68
C ALA A 206 -10.64 -2.11 6.40
N ILE A 207 -10.38 -2.55 5.18
CA ILE A 207 -10.74 -3.89 4.76
C ILE A 207 -9.46 -4.66 4.47
N VAL A 208 -9.29 -5.77 5.17
CA VAL A 208 -8.15 -6.64 4.99
C VAL A 208 -8.51 -7.62 3.89
N HIS A 209 -7.74 -7.59 2.81
CA HIS A 209 -8.02 -8.35 1.60
C HIS A 209 -6.93 -9.39 1.38
N TRP A 210 -7.33 -10.52 0.80
CA TRP A 210 -6.44 -11.66 0.56
C TRP A 210 -6.85 -12.35 -0.74
N LYS A 211 -5.90 -12.60 -1.62
CA LYS A 211 -6.18 -13.30 -2.87
C LYS A 211 -5.13 -14.36 -3.08
N GLU A 212 -5.53 -15.63 -3.07
CA GLU A 212 -4.61 -16.70 -3.42
C GLU A 212 -4.31 -16.67 -4.92
N VAL A 213 -3.06 -16.97 -5.29
CA VAL A 213 -2.70 -16.90 -6.71
C VAL A 213 -2.67 -18.28 -7.38
N HSM B . -2.08 -0.26 2.58
CA HSM B . -2.52 0.34 3.82
CB HSM B . -3.21 1.68 3.53
CG HSM B . -2.40 2.84 4.12
ND1 HSM B . -1.08 2.89 4.22
CD2 HSM B . -2.89 4.02 4.63
CE1 HSM B . -0.75 4.07 4.78
NE2 HSM B . -1.88 4.75 5.03
CA CA C . -4.11 -2.17 -2.04
#